data_1QOS
#
_entry.id   1QOS
#
_cell.length_a   106.030
_cell.length_b   106.030
_cell.length_c   87.020
_cell.angle_alpha   90.00
_cell.angle_beta   90.00
_cell.angle_gamma   120.00
#
_symmetry.space_group_name_H-M   'P 31 2 1'
#
loop_
_entity.id
_entity.type
_entity.pdbx_description
1 polymer 'CHITIN BINDING LECTIN, UEA-II'
2 branched 2-acetamido-2-deoxy-beta-D-glucopyranose-(1-4)-2-acetamido-2-deoxy-beta-D-glucopyranose
3 non-polymer 'MANGANESE (II) ION'
4 non-polymer 'CALCIUM ION'
5 non-polymer 2-acetamido-2-deoxy-beta-D-glucopyranose
#
_entity_poly.entity_id   1
_entity_poly.type   'polypeptide(L)'
_entity_poly.pdbx_seq_one_letter_code
;NLSDDLSFNFDKFVPNQKNIIFQGDASVSTTGVLQVTKVSKPTTTSIGRALYAAPIQIWDSITGKVASFATSFSFVVKAD
KSDGVDGLAFFLAPANSQIPSGSSAGMFGLFSSSDSKSSNQIIAVEFDTYFGKAYNPWDPDFKHIGIDVNSIKSIKTVKW
DWRNGEVADVVITYRAPTKSLTVCLSYPSDGTSNIITASVDLKAILPEWVSVGFSGGVGNAAEFETHDVLSWYFTSNLEA
NN
;
_entity_poly.pdbx_strand_id   A,B
#
loop_
_chem_comp.id
_chem_comp.type
_chem_comp.name
_chem_comp.formula
CA non-polymer 'CALCIUM ION' 'Ca 2'
MN non-polymer 'MANGANESE (II) ION' 'Mn 2'
NAG D-saccharide, beta linking 2-acetamido-2-deoxy-beta-D-glucopyranose 'C8 H15 N O6'
#
# COMPACT_ATOMS: atom_id res chain seq x y z
N SER A 3 14.70 -1.79 17.34
CA SER A 3 13.43 -1.26 16.74
C SER A 3 13.61 0.14 16.12
N ASP A 4 12.53 0.67 15.54
CA ASP A 4 12.51 1.98 14.88
C ASP A 4 12.42 3.14 15.88
N ASP A 5 12.65 4.35 15.38
CA ASP A 5 12.59 5.53 16.23
C ASP A 5 11.24 5.74 16.90
N LEU A 6 10.16 5.77 16.10
CA LEU A 6 8.82 5.93 16.64
C LEU A 6 7.82 4.98 16.02
N SER A 7 6.82 4.61 16.79
CA SER A 7 5.80 3.69 16.33
C SER A 7 4.60 3.78 17.27
N PHE A 8 3.43 4.08 16.72
CA PHE A 8 2.22 4.13 17.53
C PHE A 8 0.97 3.69 16.81
N ASN A 9 0.13 2.97 17.53
CA ASN A 9 -1.11 2.45 16.98
C ASN A 9 -2.32 2.88 17.81
N PHE A 10 -3.38 3.26 17.10
CA PHE A 10 -4.63 3.68 17.73
C PHE A 10 -5.74 2.87 17.06
N ASP A 11 -6.21 1.82 17.73
CA ASP A 11 -7.28 0.96 17.21
C ASP A 11 -8.57 1.74 17.15
N LYS A 12 -8.73 2.59 18.15
CA LYS A 12 -9.89 3.46 18.32
C LYS A 12 -9.39 4.67 19.09
N PHE A 13 -10.14 5.76 19.03
CA PHE A 13 -9.77 6.95 19.76
C PHE A 13 -10.70 7.07 20.95
N VAL A 14 -10.28 7.79 21.98
CA VAL A 14 -11.10 7.98 23.17
C VAL A 14 -11.42 9.48 23.24
N PRO A 15 -12.57 9.86 23.84
CA PRO A 15 -12.91 11.28 23.96
C PRO A 15 -11.88 12.03 24.81
N ASN A 16 -11.39 13.15 24.27
CA ASN A 16 -10.38 13.99 24.91
C ASN A 16 -9.12 13.18 25.19
N GLN A 17 -8.53 12.64 24.12
CA GLN A 17 -7.33 11.84 24.20
C GLN A 17 -6.20 12.79 24.54
N LYS A 18 -5.38 12.43 25.52
CA LYS A 18 -4.28 13.29 25.93
C LYS A 18 -3.06 13.37 25.02
N ASN A 19 -2.87 12.38 24.17
CA ASN A 19 -1.71 12.41 23.27
C ASN A 19 -2.05 12.88 21.87
N ILE A 20 -3.16 13.60 21.76
CA ILE A 20 -3.55 14.15 20.49
C ILE A 20 -3.90 15.60 20.72
N ILE A 21 -3.43 16.45 19.83
CA ILE A 21 -3.69 17.88 19.94
C ILE A 21 -4.85 18.23 19.02
N PHE A 22 -5.92 18.74 19.61
CA PHE A 22 -7.10 19.12 18.85
C PHE A 22 -7.10 20.59 18.54
N GLN A 23 -7.25 20.91 17.26
CA GLN A 23 -7.28 22.29 16.78
C GLN A 23 -8.55 22.46 15.95
N GLY A 24 -9.26 23.56 16.16
CA GLY A 24 -10.48 23.79 15.40
C GLY A 24 -11.64 22.98 15.94
N ASP A 25 -12.51 22.51 15.05
CA ASP A 25 -13.68 21.72 15.43
C ASP A 25 -13.39 20.23 15.62
N ALA A 26 -12.13 19.85 15.45
CA ALA A 26 -11.71 18.47 15.60
C ALA A 26 -12.05 17.94 16.99
N SER A 27 -12.62 16.74 17.04
CA SER A 27 -13.01 16.12 18.29
C SER A 27 -13.22 14.63 18.09
N VAL A 28 -13.46 13.92 19.19
CA VAL A 28 -13.67 12.48 19.14
C VAL A 28 -14.98 12.10 19.84
N SER A 29 -15.91 11.55 19.07
CA SER A 29 -17.21 11.15 19.59
C SER A 29 -17.11 10.01 20.59
N THR A 30 -18.17 9.81 21.37
CA THR A 30 -18.21 8.74 22.39
C THR A 30 -18.23 7.32 21.84
N THR A 31 -18.34 7.20 20.52
CA THR A 31 -18.31 5.89 19.86
C THR A 31 -16.85 5.54 19.53
N GLY A 32 -15.95 6.48 19.82
CA GLY A 32 -14.53 6.29 19.59
C GLY A 32 -13.95 6.71 18.25
N VAL A 33 -14.67 7.54 17.50
CA VAL A 33 -14.18 7.99 16.20
C VAL A 33 -13.74 9.45 16.17
N LEU A 34 -12.60 9.71 15.54
CA LEU A 34 -12.07 11.06 15.43
C LEU A 34 -12.74 11.80 14.29
N GLN A 35 -13.59 12.77 14.63
CA GLN A 35 -14.29 13.55 13.62
C GLN A 35 -13.51 14.84 13.46
N VAL A 36 -12.66 14.89 12.44
CA VAL A 36 -11.86 16.10 12.20
C VAL A 36 -12.76 17.25 11.83
N THR A 37 -13.94 16.91 11.32
CA THR A 37 -14.94 17.88 10.91
C THR A 37 -16.15 17.78 11.85
N LYS A 38 -16.68 18.95 12.24
CA LYS A 38 -17.83 19.02 13.13
C LYS A 38 -19.07 18.31 12.58
N VAL A 39 -19.61 17.40 13.37
CA VAL A 39 -20.79 16.66 12.98
C VAL A 39 -21.94 17.10 13.88
N SER A 40 -22.76 18.04 13.39
CA SER A 40 -23.89 18.54 14.16
C SER A 40 -25.18 18.85 13.41
N LYS A 41 -26.27 18.95 14.16
CA LYS A 41 -27.59 19.25 13.62
C LYS A 41 -28.09 20.53 14.29
N PRO A 42 -28.30 21.61 13.50
CA PRO A 42 -28.06 21.62 12.05
C PRO A 42 -26.59 21.65 11.67
N THR A 43 -26.32 21.33 10.41
CA THR A 43 -24.97 21.30 9.86
C THR A 43 -24.37 22.71 9.79
N THR A 44 -23.13 22.86 10.28
CA THR A 44 -22.44 24.16 10.28
C THR A 44 -21.08 24.16 9.56
N THR A 45 -20.68 25.34 9.03
CA THR A 45 -19.40 25.52 8.32
C THR A 45 -18.28 25.15 9.33
N SER A 46 -17.28 24.38 8.90
CA SER A 46 -16.25 23.91 9.84
C SER A 46 -14.85 23.62 9.32
N ILE A 47 -13.87 23.68 10.22
CA ILE A 47 -12.45 23.39 9.96
C ILE A 47 -11.80 22.76 11.21
N GLY A 48 -11.06 21.68 11.02
CA GLY A 48 -10.42 21.03 12.15
C GLY A 48 -9.16 20.28 11.79
N ARG A 49 -8.29 20.10 12.78
CA ARG A 49 -7.02 19.37 12.61
C ARG A 49 -6.68 18.63 13.90
N ALA A 50 -6.15 17.42 13.78
CA ALA A 50 -5.75 16.63 14.94
C ALA A 50 -4.32 16.17 14.70
N LEU A 51 -3.44 16.41 15.67
CA LEU A 51 -2.03 16.02 15.55
C LEU A 51 -1.57 15.21 16.72
N TYR A 52 -0.60 14.34 16.47
CA TYR A 52 -0.03 13.53 17.53
C TYR A 52 0.77 14.53 18.38
N ALA A 53 0.57 14.48 19.69
CA ALA A 53 1.22 15.39 20.63
C ALA A 53 2.73 15.61 20.55
N ALA A 54 3.50 14.53 20.37
CA ALA A 54 4.96 14.65 20.28
C ALA A 54 5.42 14.95 18.86
N PRO A 55 6.40 15.86 18.70
CA PRO A 55 6.94 16.16 17.37
C PRO A 55 7.79 14.98 16.91
N ILE A 56 8.03 14.87 15.61
CA ILE A 56 8.84 13.80 15.08
C ILE A 56 10.07 14.39 14.40
N GLN A 57 11.25 13.78 14.63
CA GLN A 57 12.45 14.24 13.95
C GLN A 57 12.38 13.58 12.59
N ILE A 58 12.05 14.35 11.55
CA ILE A 58 11.93 13.77 10.23
C ILE A 58 13.25 13.65 9.44
N TRP A 59 14.25 14.45 9.81
CA TRP A 59 15.59 14.41 9.19
C TRP A 59 16.60 15.03 10.17
N ASP A 60 17.87 14.68 10.02
CA ASP A 60 18.92 15.17 10.94
C ASP A 60 19.93 16.07 10.24
N SER A 61 20.00 17.34 10.67
CA SER A 61 20.95 18.30 10.08
C SER A 61 22.40 17.87 10.34
N ILE A 62 22.63 17.26 11.50
CA ILE A 62 23.94 16.78 11.91
C ILE A 62 24.47 15.67 11.00
N THR A 63 23.61 14.72 10.63
CA THR A 63 24.02 13.59 9.79
C THR A 63 23.52 13.53 8.34
N GLY A 64 22.57 14.39 7.98
CA GLY A 64 22.03 14.40 6.63
C GLY A 64 21.04 13.28 6.32
N LYS A 65 20.86 12.35 7.26
CA LYS A 65 19.91 11.22 7.12
C LYS A 65 18.46 11.66 7.08
N VAL A 66 17.67 11.04 6.22
CA VAL A 66 16.26 11.35 6.13
C VAL A 66 15.46 10.14 6.60
N ALA A 67 14.41 10.38 7.37
CA ALA A 67 13.59 9.30 7.89
C ALA A 67 12.64 8.70 6.87
N SER A 68 12.37 7.42 7.00
CA SER A 68 11.41 6.74 6.12
C SER A 68 10.25 6.45 7.03
N PHE A 69 9.04 6.80 6.60
CA PHE A 69 7.90 6.52 7.45
C PHE A 69 6.82 5.76 6.69
N ALA A 70 5.83 5.31 7.45
CA ALA A 70 4.69 4.58 6.91
C ALA A 70 3.54 4.82 7.86
N THR A 71 2.38 5.09 7.29
CA THR A 71 1.20 5.32 8.09
C THR A 71 0.04 4.60 7.45
N SER A 72 -0.83 4.08 8.31
CA SER A 72 -2.00 3.38 7.86
C SER A 72 -3.16 3.90 8.65
N PHE A 73 -4.29 4.09 7.98
CA PHE A 73 -5.48 4.56 8.65
C PHE A 73 -6.70 4.25 7.83
N SER A 74 -7.85 4.31 8.49
CA SER A 74 -9.14 4.04 7.86
C SER A 74 -10.07 5.21 8.12
N PHE A 75 -10.75 5.68 7.08
CA PHE A 75 -11.66 6.79 7.26
C PHE A 75 -12.95 6.61 6.50
N VAL A 76 -13.90 7.47 6.82
CA VAL A 76 -15.21 7.46 6.21
C VAL A 76 -15.62 8.88 5.91
N VAL A 77 -16.23 9.07 4.75
CA VAL A 77 -16.75 10.39 4.34
C VAL A 77 -18.18 10.15 3.90
N LYS A 78 -19.12 10.54 4.76
CA LYS A 78 -20.54 10.37 4.49
C LYS A 78 -21.26 11.68 4.21
N ALA A 79 -21.89 11.74 3.03
CA ALA A 79 -22.63 12.91 2.61
C ALA A 79 -24.12 12.61 2.68
N ASP A 80 -24.91 13.60 3.12
CA ASP A 80 -26.36 13.45 3.21
C ASP A 80 -26.89 13.38 1.77
N LYS A 81 -26.41 14.29 0.94
CA LYS A 81 -26.77 14.34 -0.48
C LYS A 81 -25.89 13.34 -1.21
N SER A 82 -25.78 13.51 -2.52
CA SER A 82 -24.95 12.63 -3.35
C SER A 82 -23.55 13.19 -3.44
N ASP A 83 -23.42 14.49 -3.23
CA ASP A 83 -22.14 15.17 -3.26
C ASP A 83 -21.82 15.80 -1.91
N GLY A 84 -20.55 16.10 -1.67
CA GLY A 84 -20.16 16.69 -0.40
C GLY A 84 -18.90 17.52 -0.46
N VAL A 85 -18.60 18.22 0.63
CA VAL A 85 -17.43 19.08 0.74
C VAL A 85 -16.82 19.01 2.15
N ASP A 86 -15.54 19.31 2.30
CA ASP A 86 -14.64 19.72 1.23
C ASP A 86 -13.53 18.72 0.98
N GLY A 87 -13.23 17.93 2.01
CA GLY A 87 -12.17 16.95 1.91
C GLY A 87 -11.44 16.70 3.20
N LEU A 88 -10.56 15.70 3.14
CA LEU A 88 -9.76 15.28 4.28
C LEU A 88 -8.28 15.32 3.87
N ALA A 89 -7.39 15.42 4.84
CA ALA A 89 -5.95 15.46 4.52
C ALA A 89 -5.06 14.94 5.62
N PHE A 90 -4.06 14.18 5.22
CA PHE A 90 -3.07 13.68 6.16
C PHE A 90 -1.88 14.60 5.89
N PHE A 91 -1.24 15.08 6.95
CA PHE A 91 -0.15 16.02 6.72
C PHE A 91 1.01 16.04 7.71
N LEU A 92 2.11 16.62 7.22
CA LEU A 92 3.32 16.84 7.99
C LEU A 92 3.54 18.33 7.93
N ALA A 93 3.64 18.95 9.11
CA ALA A 93 3.85 20.38 9.22
C ALA A 93 4.90 20.64 10.28
N PRO A 94 5.41 21.86 10.36
CA PRO A 94 6.41 22.17 11.39
C PRO A 94 5.85 21.84 12.76
N ALA A 95 6.73 21.42 13.66
CA ALA A 95 6.35 21.06 15.02
C ALA A 95 5.39 22.06 15.66
N ASN A 96 4.24 21.57 16.10
CA ASN A 96 3.21 22.36 16.74
C ASN A 96 2.70 23.52 15.88
N SER A 97 2.43 23.24 14.62
CA SER A 97 1.90 24.21 13.68
C SER A 97 0.49 24.61 14.11
N GLN A 98 0.16 25.89 13.94
CA GLN A 98 -1.16 26.39 14.28
C GLN A 98 -1.94 26.54 12.98
N ILE A 99 -3.26 26.58 13.08
CA ILE A 99 -4.06 26.73 11.88
C ILE A 99 -3.78 28.13 11.31
N PRO A 100 -3.23 28.20 10.09
CA PRO A 100 -2.90 29.45 9.41
C PRO A 100 -4.06 30.44 9.47
N SER A 101 -3.74 31.68 9.81
CA SER A 101 -4.74 32.73 9.92
C SER A 101 -5.45 32.94 8.59
N GLY A 102 -6.77 33.09 8.66
CA GLY A 102 -7.57 33.30 7.46
C GLY A 102 -7.52 32.13 6.51
N SER A 103 -7.73 30.93 7.04
CA SER A 103 -7.73 29.73 6.22
C SER A 103 -9.16 29.48 5.76
N SER A 104 -9.37 28.38 5.04
CA SER A 104 -10.69 28.05 4.55
C SER A 104 -10.79 26.54 4.34
N ALA A 105 -12.02 26.04 4.30
CA ALA A 105 -12.28 24.62 4.09
C ALA A 105 -11.54 24.05 2.88
N GLY A 106 -11.48 24.80 1.79
CA GLY A 106 -10.80 24.32 0.60
C GLY A 106 -9.29 24.19 0.76
N MET A 107 -8.75 24.77 1.83
CA MET A 107 -7.30 24.71 2.09
C MET A 107 -7.02 23.80 3.30
N PHE A 108 -8.04 23.02 3.65
CA PHE A 108 -8.01 22.05 4.75
C PHE A 108 -7.34 22.52 6.03
N GLY A 109 -7.33 23.82 6.25
CA GLY A 109 -6.71 24.38 7.45
C GLY A 109 -5.20 24.30 7.44
N LEU A 110 -4.62 24.17 6.25
CA LEU A 110 -3.17 24.06 6.11
C LEU A 110 -2.55 25.25 5.39
N PHE A 111 -3.34 25.97 4.60
CA PHE A 111 -2.82 27.11 3.86
C PHE A 111 -3.57 28.43 4.06
N SER A 112 -2.80 29.52 4.06
CA SER A 112 -3.30 30.88 4.23
C SER A 112 -3.77 31.43 2.86
N SER A 113 -3.18 30.92 1.76
CA SER A 113 -3.52 31.34 0.38
C SER A 113 -3.23 30.23 -0.65
N SER A 114 -3.42 30.54 -1.94
CA SER A 114 -3.19 29.55 -2.99
C SER A 114 -1.82 29.59 -3.65
N ASP A 115 -0.84 30.21 -2.99
CA ASP A 115 0.52 30.30 -3.50
C ASP A 115 1.38 29.07 -3.19
N SER A 116 2.56 29.04 -3.79
CA SER A 116 3.51 27.95 -3.58
C SER A 116 4.73 28.46 -2.82
N LYS A 117 4.49 28.97 -1.61
CA LYS A 117 5.56 29.51 -0.76
C LYS A 117 6.29 28.43 0.04
N SER A 118 7.60 28.36 -0.17
CA SER A 118 8.44 27.37 0.51
C SER A 118 8.41 27.54 2.04
N SER A 119 7.87 28.67 2.46
CA SER A 119 7.77 29.00 3.88
C SER A 119 6.68 28.20 4.59
N ASN A 120 5.67 27.76 3.85
CA ASN A 120 4.56 26.99 4.41
C ASN A 120 5.08 25.72 5.09
N GLN A 121 6.14 25.16 4.50
CA GLN A 121 6.79 23.95 5.00
C GLN A 121 5.76 22.89 5.33
N ILE A 122 4.95 22.56 4.32
CA ILE A 122 3.91 21.58 4.50
C ILE A 122 3.86 20.61 3.36
N ILE A 123 3.76 19.33 3.73
CA ILE A 123 3.61 18.25 2.77
C ILE A 123 2.35 17.54 3.24
N ALA A 124 1.41 17.36 2.34
CA ALA A 124 0.17 16.71 2.72
C ALA A 124 -0.45 15.89 1.62
N VAL A 125 -1.25 14.92 2.04
CA VAL A 125 -1.97 14.06 1.10
C VAL A 125 -3.44 14.43 1.28
N GLU A 126 -4.02 15.02 0.24
CA GLU A 126 -5.40 15.44 0.29
C GLU A 126 -6.37 14.48 -0.37
N PHE A 127 -7.56 14.43 0.21
CA PHE A 127 -8.67 13.61 -0.25
C PHE A 127 -9.78 14.63 -0.50
N ASP A 128 -9.60 15.36 -1.59
CA ASP A 128 -10.47 16.44 -2.06
C ASP A 128 -11.81 15.94 -2.59
N THR A 129 -12.91 16.35 -1.96
CA THR A 129 -14.26 15.95 -2.42
C THR A 129 -14.91 17.06 -3.25
N TYR A 130 -14.43 18.27 -3.06
CA TYR A 130 -14.92 19.43 -3.79
C TYR A 130 -13.88 19.96 -4.76
N PHE A 131 -14.28 20.10 -6.01
CA PHE A 131 -13.39 20.55 -7.07
C PHE A 131 -13.94 21.66 -7.96
N GLY A 132 -15.07 22.25 -7.56
CA GLY A 132 -15.69 23.33 -8.32
C GLY A 132 -14.77 24.51 -8.55
N LYS A 133 -14.67 24.94 -9.81
CA LYS A 133 -13.80 26.04 -10.18
C LYS A 133 -14.20 27.44 -9.71
N ALA A 134 -15.44 27.60 -9.26
CA ALA A 134 -15.91 28.88 -8.77
C ALA A 134 -15.10 29.29 -7.52
N TYR A 135 -14.87 28.34 -6.62
CA TYR A 135 -14.12 28.59 -5.38
C TYR A 135 -12.78 27.85 -5.25
N ASN A 136 -12.60 26.77 -6.03
CA ASN A 136 -11.35 25.98 -6.02
C ASN A 136 -10.84 25.89 -7.45
N PRO A 137 -10.28 26.97 -7.98
CA PRO A 137 -9.79 27.00 -9.37
C PRO A 137 -8.59 26.09 -9.68
N TRP A 138 -7.81 25.76 -8.67
CA TRP A 138 -6.62 24.92 -8.81
C TRP A 138 -6.91 23.44 -9.04
N ASP A 139 -8.00 22.94 -8.45
CA ASP A 139 -8.39 21.54 -8.55
C ASP A 139 -8.79 21.10 -9.96
N PRO A 140 -8.57 19.82 -10.28
CA PRO A 140 -8.94 19.23 -11.57
C PRO A 140 -10.45 18.99 -11.64
N ASP A 141 -10.90 18.43 -12.76
CA ASP A 141 -12.33 18.17 -12.98
C ASP A 141 -12.94 16.94 -12.34
N PHE A 142 -12.51 16.60 -11.13
CA PHE A 142 -13.04 15.43 -10.44
C PHE A 142 -12.58 15.30 -8.99
N LYS A 143 -13.26 14.45 -8.24
CA LYS A 143 -12.87 14.19 -6.86
C LYS A 143 -11.51 13.53 -7.00
N HIS A 144 -10.55 13.97 -6.19
CA HIS A 144 -9.20 13.46 -6.32
C HIS A 144 -8.42 13.21 -5.03
N ILE A 145 -7.30 12.52 -5.19
CA ILE A 145 -6.34 12.26 -4.13
C ILE A 145 -5.17 13.08 -4.64
N GLY A 146 -4.58 13.90 -3.80
CA GLY A 146 -3.47 14.70 -4.26
C GLY A 146 -2.33 14.82 -3.29
N ILE A 147 -1.13 14.95 -3.85
CA ILE A 147 0.08 15.14 -3.05
C ILE A 147 0.31 16.66 -3.08
N ASP A 148 0.29 17.28 -1.91
CA ASP A 148 0.47 18.71 -1.83
C ASP A 148 1.80 19.06 -1.21
N VAL A 149 2.55 19.92 -1.90
CA VAL A 149 3.85 20.32 -1.40
C VAL A 149 3.97 21.83 -1.36
N ASN A 150 3.88 22.39 -0.16
CA ASN A 150 3.97 23.83 0.05
C ASN A 150 2.85 24.65 -0.61
N SER A 151 1.91 23.96 -1.25
CA SER A 151 0.81 24.64 -1.94
C SER A 151 -0.38 23.72 -2.11
N ILE A 152 -1.57 24.29 -2.00
CA ILE A 152 -2.83 23.55 -2.13
C ILE A 152 -3.04 23.05 -3.58
N LYS A 153 -2.23 23.55 -4.51
CA LYS A 153 -2.28 23.12 -5.90
C LYS A 153 -1.37 21.89 -5.95
N SER A 154 -1.98 20.72 -5.83
CA SER A 154 -1.28 19.44 -5.83
C SER A 154 -0.26 19.35 -6.96
N ILE A 155 0.85 18.68 -6.70
CA ILE A 155 1.89 18.53 -7.71
C ILE A 155 1.59 17.31 -8.57
N LYS A 156 0.66 16.49 -8.08
CA LYS A 156 0.23 15.29 -8.80
C LYS A 156 -1.07 14.82 -8.17
N THR A 157 -2.03 14.48 -9.01
CA THR A 157 -3.33 14.01 -8.53
C THR A 157 -3.74 12.77 -9.30
N VAL A 158 -4.80 12.13 -8.83
CA VAL A 158 -5.35 10.95 -9.46
C VAL A 158 -6.82 10.94 -9.10
N LYS A 159 -7.65 10.48 -10.02
CA LYS A 159 -9.08 10.44 -9.77
C LYS A 159 -9.39 9.53 -8.60
N TRP A 160 -10.18 10.06 -7.67
CA TRP A 160 -10.60 9.34 -6.49
C TRP A 160 -12.01 8.77 -6.69
N ASP A 161 -12.13 7.45 -6.71
CA ASP A 161 -13.42 6.79 -6.89
C ASP A 161 -14.13 6.68 -5.55
N TRP A 162 -14.43 7.84 -4.95
CA TRP A 162 -15.10 7.93 -3.66
C TRP A 162 -16.41 7.16 -3.57
N ARG A 163 -16.56 6.45 -2.46
CA ARG A 163 -17.78 5.68 -2.21
C ARG A 163 -18.41 6.32 -0.97
N ASN A 164 -19.56 6.96 -1.17
CA ASN A 164 -20.27 7.64 -0.08
C ASN A 164 -20.57 6.71 1.08
N GLY A 165 -20.12 7.12 2.27
CA GLY A 165 -20.36 6.33 3.47
C GLY A 165 -19.53 5.09 3.66
N GLU A 166 -18.81 4.67 2.62
CA GLU A 166 -17.99 3.49 2.74
C GLU A 166 -16.64 3.79 3.38
N VAL A 167 -16.12 2.79 4.07
CA VAL A 167 -14.85 2.86 4.76
C VAL A 167 -13.68 2.63 3.81
N ALA A 168 -12.70 3.51 3.87
CA ALA A 168 -11.51 3.40 3.04
C ALA A 168 -10.29 3.07 3.89
N ASP A 169 -9.45 2.19 3.39
CA ASP A 169 -8.22 1.81 4.05
C ASP A 169 -7.09 2.47 3.28
N VAL A 170 -6.35 3.34 3.95
CA VAL A 170 -5.25 4.02 3.29
C VAL A 170 -3.92 3.58 3.90
N VAL A 171 -2.95 3.41 3.02
CA VAL A 171 -1.61 3.04 3.42
C VAL A 171 -0.73 4.00 2.64
N ILE A 172 0.03 4.80 3.37
CA ILE A 172 0.93 5.75 2.76
C ILE A 172 2.31 5.34 3.20
N THR A 173 3.25 5.31 2.26
CA THR A 173 4.61 4.94 2.57
C THR A 173 5.58 5.99 2.06
N TYR A 174 6.68 6.17 2.77
CA TYR A 174 7.70 7.11 2.32
C TYR A 174 9.04 6.44 2.41
N ARG A 175 9.62 6.22 1.25
CA ARG A 175 10.92 5.57 1.17
C ARG A 175 12.02 6.61 0.91
N ALA A 176 12.66 7.04 1.99
CA ALA A 176 13.72 8.04 1.95
C ALA A 176 14.80 7.83 0.89
N PRO A 177 15.35 6.60 0.77
CA PRO A 177 16.39 6.36 -0.23
C PRO A 177 15.99 6.81 -1.63
N THR A 178 14.76 6.49 -2.03
CA THR A 178 14.31 6.86 -3.37
C THR A 178 13.39 8.07 -3.41
N LYS A 179 13.28 8.77 -2.28
CA LYS A 179 12.45 9.96 -2.18
C LYS A 179 11.04 9.82 -2.76
N SER A 180 10.45 8.63 -2.66
CA SER A 180 9.11 8.43 -3.21
C SER A 180 8.01 8.27 -2.17
N LEU A 181 6.85 8.85 -2.49
CA LEU A 181 5.68 8.82 -1.64
C LEU A 181 4.59 8.02 -2.35
N THR A 182 4.03 7.04 -1.66
CA THR A 182 2.98 6.24 -2.27
C THR A 182 1.72 6.16 -1.42
N VAL A 183 0.63 6.63 -2.00
CA VAL A 183 -0.67 6.60 -1.37
C VAL A 183 -1.40 5.39 -1.93
N CYS A 184 -1.87 4.56 -1.02
CA CYS A 184 -2.55 3.34 -1.38
C CYS A 184 -3.92 3.24 -0.74
N LEU A 185 -4.96 3.61 -1.49
CA LEU A 185 -6.33 3.59 -0.98
C LEU A 185 -7.18 2.46 -1.53
N SER A 186 -8.03 1.90 -0.69
CA SER A 186 -8.92 0.82 -1.11
C SER A 186 -10.18 0.70 -0.25
N TYR A 187 -11.29 0.36 -0.90
CA TYR A 187 -12.56 0.18 -0.21
C TYR A 187 -12.81 -1.32 -0.14
N PRO A 188 -12.68 -1.91 1.06
CA PRO A 188 -12.87 -3.35 1.21
C PRO A 188 -14.27 -3.84 0.82
N SER A 189 -15.27 -2.97 0.96
CA SER A 189 -16.64 -3.32 0.64
C SER A 189 -16.87 -3.77 -0.80
N ASP A 190 -16.32 -3.03 -1.77
CA ASP A 190 -16.51 -3.37 -3.18
C ASP A 190 -15.24 -3.49 -4.03
N GLY A 191 -14.10 -3.68 -3.38
CA GLY A 191 -12.84 -3.84 -4.10
C GLY A 191 -12.29 -2.63 -4.83
N THR A 192 -13.02 -1.51 -4.81
CA THR A 192 -12.58 -0.28 -5.47
C THR A 192 -11.29 0.24 -4.83
N SER A 193 -10.27 0.49 -5.64
CA SER A 193 -9.00 0.99 -5.12
C SER A 193 -8.29 1.98 -6.05
N ASN A 194 -7.55 2.92 -5.45
CA ASN A 194 -6.79 3.95 -6.18
C ASN A 194 -5.36 4.04 -5.65
N ILE A 195 -4.45 4.54 -6.49
CA ILE A 195 -3.06 4.64 -6.06
C ILE A 195 -2.31 5.79 -6.74
N ILE A 196 -1.36 6.36 -6.01
CA ILE A 196 -0.56 7.45 -6.52
C ILE A 196 0.83 7.48 -5.90
N THR A 197 1.83 7.78 -6.70
CA THR A 197 3.22 7.86 -6.25
C THR A 197 3.82 9.14 -6.76
N ALA A 198 4.71 9.74 -5.97
CA ALA A 198 5.37 10.98 -6.37
C ALA A 198 6.69 11.13 -5.65
N SER A 199 7.63 11.85 -6.27
CA SER A 199 8.95 12.07 -5.68
C SER A 199 8.98 13.35 -4.89
N VAL A 200 9.46 13.26 -3.65
CA VAL A 200 9.53 14.41 -2.77
C VAL A 200 10.73 14.29 -1.84
N ASP A 201 11.44 15.39 -1.65
CA ASP A 201 12.58 15.37 -0.74
C ASP A 201 12.21 16.14 0.52
N LEU A 202 11.88 15.39 1.56
CA LEU A 202 11.49 15.98 2.84
C LEU A 202 12.51 17.00 3.33
N LYS A 203 13.78 16.64 3.25
CA LYS A 203 14.86 17.50 3.71
C LYS A 203 14.77 18.90 3.09
N ALA A 204 14.42 18.93 1.81
CA ALA A 204 14.29 20.17 1.06
C ALA A 204 13.01 20.95 1.32
N ILE A 205 12.09 20.39 2.12
CA ILE A 205 10.82 21.07 2.36
C ILE A 205 10.43 21.33 3.83
N LEU A 206 10.55 20.31 4.67
CA LEU A 206 10.17 20.46 6.07
C LEU A 206 11.41 20.66 6.93
N PRO A 207 11.22 21.24 8.12
CA PRO A 207 12.34 21.42 9.06
C PRO A 207 12.59 20.05 9.74
N GLU A 208 13.67 19.94 10.49
CA GLU A 208 13.99 18.67 11.16
C GLU A 208 12.84 18.09 11.98
N TRP A 209 12.20 18.94 12.79
CA TRP A 209 11.10 18.52 13.63
C TRP A 209 9.72 18.89 13.12
N VAL A 210 8.94 17.88 12.77
CA VAL A 210 7.59 18.09 12.29
C VAL A 210 6.54 17.53 13.25
N SER A 211 5.28 17.76 12.88
CA SER A 211 4.15 17.27 13.65
C SER A 211 3.25 16.66 12.59
N VAL A 212 2.74 15.46 12.85
CA VAL A 212 1.85 14.80 11.90
C VAL A 212 0.43 14.70 12.40
N GLY A 213 -0.50 14.61 11.46
CA GLY A 213 -1.89 14.51 11.81
C GLY A 213 -2.80 14.61 10.62
N PHE A 214 -4.08 14.85 10.92
CA PHE A 214 -5.10 14.98 9.89
C PHE A 214 -5.77 16.34 9.98
N SER A 215 -6.46 16.71 8.91
CA SER A 215 -7.21 17.96 8.84
C SER A 215 -8.28 17.86 7.75
N GLY A 216 -9.24 18.77 7.82
CA GLY A 216 -10.30 18.78 6.85
C GLY A 216 -11.19 19.98 7.04
N GLY A 217 -12.21 20.10 6.19
CA GLY A 217 -13.13 21.21 6.29
C GLY A 217 -14.43 20.99 5.56
N VAL A 218 -15.36 21.93 5.77
CA VAL A 218 -16.70 21.94 5.17
C VAL A 218 -16.99 23.43 4.98
N GLY A 219 -16.84 23.92 3.75
CA GLY A 219 -17.06 25.33 3.47
C GLY A 219 -18.46 25.76 3.14
N ASN A 220 -19.40 24.81 3.23
CA ASN A 220 -20.80 25.06 2.94
C ASN A 220 -21.68 24.00 3.59
N ALA A 221 -22.37 24.41 4.64
CA ALA A 221 -23.27 23.53 5.41
C ALA A 221 -24.33 22.84 4.56
N ALA A 222 -24.58 23.37 3.37
CA ALA A 222 -25.58 22.80 2.47
C ALA A 222 -25.14 21.47 1.91
N GLU A 223 -23.88 21.38 1.52
CA GLU A 223 -23.32 20.16 0.97
C GLU A 223 -22.44 19.42 1.98
N PHE A 224 -23.02 19.15 3.15
CA PHE A 224 -22.36 18.48 4.27
C PHE A 224 -21.95 17.01 4.07
N GLU A 225 -20.83 16.66 4.70
CA GLU A 225 -20.29 15.31 4.70
C GLU A 225 -19.36 15.19 5.91
N THR A 226 -19.20 13.98 6.42
CA THR A 226 -18.32 13.78 7.57
C THR A 226 -16.89 13.55 7.10
N HIS A 227 -15.96 13.66 8.04
CA HIS A 227 -14.53 13.45 7.78
C HIS A 227 -14.04 12.75 9.03
N ASP A 228 -14.48 11.49 9.14
CA ASP A 228 -14.20 10.63 10.29
C ASP A 228 -13.09 9.63 10.05
N VAL A 229 -12.07 9.71 10.88
CA VAL A 229 -10.97 8.77 10.81
C VAL A 229 -11.19 7.79 11.99
N LEU A 230 -11.20 6.50 11.64
CA LEU A 230 -11.46 5.41 12.57
C LEU A 230 -10.29 4.79 13.32
N SER A 231 -9.15 4.68 12.65
CA SER A 231 -7.94 4.08 13.23
C SER A 231 -6.70 4.71 12.60
N TRP A 232 -5.58 4.62 13.33
CA TRP A 232 -4.33 5.20 12.85
C TRP A 232 -3.06 4.52 13.35
N TYR A 233 -2.25 4.11 12.40
CA TYR A 233 -0.98 3.48 12.70
C TYR A 233 0.11 4.36 12.11
N PHE A 234 1.15 4.60 12.88
CA PHE A 234 2.25 5.42 12.39
C PHE A 234 3.60 4.93 12.91
N THR A 235 4.55 4.85 11.99
CA THR A 235 5.89 4.44 12.32
C THR A 235 6.86 5.22 11.47
N SER A 236 7.89 5.75 12.12
CA SER A 236 8.93 6.54 11.47
C SER A 236 10.27 6.00 11.91
N ASN A 237 11.29 6.23 11.07
CA ASN A 237 12.62 5.76 11.40
C ASN A 237 13.71 6.45 10.60
N LEU A 238 14.73 6.93 11.31
CA LEU A 238 15.88 7.62 10.73
C LEU A 238 16.97 6.72 10.12
N GLU A 239 17.04 6.70 8.79
N SER B 3 3.94 -7.39 21.21
CA SER B 3 4.21 -7.44 19.74
C SER B 3 3.37 -8.51 19.01
N ASP B 4 3.54 -8.59 17.68
CA ASP B 4 2.81 -9.54 16.84
C ASP B 4 3.39 -10.95 16.89
N ASP B 5 2.65 -11.91 16.35
CA ASP B 5 3.09 -13.30 16.33
C ASP B 5 4.42 -13.50 15.61
N LEU B 6 4.51 -13.05 14.35
CA LEU B 6 5.74 -13.17 13.58
C LEU B 6 6.10 -11.88 12.86
N SER B 7 7.38 -11.68 12.66
CA SER B 7 7.88 -10.48 11.99
C SER B 7 9.33 -10.71 11.58
N PHE B 8 9.62 -10.57 10.28
CA PHE B 8 10.98 -10.73 9.82
C PHE B 8 11.32 -9.83 8.65
N ASN B 9 12.54 -9.29 8.69
CA ASN B 9 13.03 -8.41 7.65
C ASN B 9 14.34 -8.91 7.05
N PHE B 10 14.42 -8.81 5.72
CA PHE B 10 15.60 -9.21 4.97
C PHE B 10 15.99 -8.02 4.08
N ASP B 11 16.97 -7.23 4.48
CA ASP B 11 17.42 -6.06 3.71
C ASP B 11 18.07 -6.52 2.41
N LYS B 12 18.77 -7.64 2.52
CA LYS B 12 19.48 -8.31 1.43
C LYS B 12 19.50 -9.80 1.79
N PHE B 13 19.73 -10.64 0.79
CA PHE B 13 19.80 -12.05 1.03
C PHE B 13 21.27 -12.45 0.95
N VAL B 14 21.61 -13.57 1.57
CA VAL B 14 22.99 -14.05 1.53
C VAL B 14 22.97 -15.39 0.79
N PRO B 15 24.10 -15.76 0.13
CA PRO B 15 24.13 -17.05 -0.59
C PRO B 15 23.97 -18.23 0.37
N ASN B 16 23.04 -19.12 0.02
CA ASN B 16 22.70 -20.31 0.81
C ASN B 16 22.26 -19.90 2.21
N GLN B 17 21.19 -19.10 2.26
CA GLN B 17 20.63 -18.60 3.50
C GLN B 17 19.97 -19.79 4.18
N LYS B 18 20.24 -19.97 5.47
CA LYS B 18 19.69 -21.10 6.20
C LYS B 18 18.22 -21.03 6.56
N ASN B 19 17.64 -19.84 6.62
CA ASN B 19 16.22 -19.73 6.97
C ASN B 19 15.31 -19.59 5.77
N ILE B 20 15.80 -20.00 4.62
CA ILE B 20 15.01 -19.95 3.42
C ILE B 20 15.15 -21.29 2.74
N ILE B 21 14.02 -21.83 2.31
CA ILE B 21 14.01 -23.12 1.65
C ILE B 21 14.00 -22.89 0.13
N PHE B 22 15.03 -23.37 -0.53
CA PHE B 22 15.14 -23.22 -1.97
C PHE B 22 14.63 -24.45 -2.69
N GLN B 23 13.71 -24.25 -3.63
CA GLN B 23 13.13 -25.31 -4.43
C GLN B 23 13.28 -24.94 -5.90
N GLY B 24 13.69 -25.90 -6.73
CA GLY B 24 13.87 -25.63 -8.15
C GLY B 24 15.17 -24.90 -8.41
N ASP B 25 15.16 -23.98 -9.38
CA ASP B 25 16.35 -23.21 -9.73
C ASP B 25 16.57 -21.97 -8.85
N ALA B 26 15.71 -21.79 -7.87
CA ALA B 26 15.82 -20.64 -6.96
C ALA B 26 17.17 -20.63 -6.25
N SER B 27 17.79 -19.46 -6.20
CA SER B 27 19.09 -19.31 -5.56
C SER B 27 19.35 -17.84 -5.28
N VAL B 28 20.46 -17.56 -4.60
CA VAL B 28 20.82 -16.18 -4.27
C VAL B 28 22.25 -15.88 -4.71
N SER B 29 22.38 -14.92 -5.64
CA SER B 29 23.66 -14.52 -6.18
C SER B 29 24.56 -13.86 -5.12
N THR B 30 25.86 -13.80 -5.40
CA THR B 30 26.84 -13.22 -4.48
C THR B 30 26.72 -11.71 -4.28
N THR B 31 25.81 -11.08 -5.03
CA THR B 31 25.55 -9.66 -4.90
C THR B 31 24.45 -9.46 -3.85
N GLY B 32 23.90 -10.59 -3.37
CA GLY B 32 22.87 -10.56 -2.36
C GLY B 32 21.42 -10.53 -2.82
N VAL B 33 21.16 -10.89 -4.08
CA VAL B 33 19.79 -10.90 -4.60
C VAL B 33 19.24 -12.30 -4.82
N LEU B 34 17.99 -12.49 -4.44
CA LEU B 34 17.30 -13.76 -4.59
C LEU B 34 16.74 -13.89 -6.00
N GLN B 35 17.37 -14.74 -6.79
CA GLN B 35 16.93 -14.97 -8.17
C GLN B 35 16.05 -16.22 -8.16
N VAL B 36 14.73 -16.02 -8.10
CA VAL B 36 13.81 -17.17 -8.08
C VAL B 36 13.89 -17.91 -9.39
N THR B 37 14.36 -17.22 -10.42
CA THR B 37 14.51 -17.77 -11.76
C THR B 37 16.00 -17.83 -12.10
N LYS B 38 16.41 -18.94 -12.73
CA LYS B 38 17.80 -19.15 -13.11
C LYS B 38 18.32 -18.08 -14.07
N VAL B 39 19.42 -17.46 -13.69
CA VAL B 39 20.03 -16.42 -14.53
C VAL B 39 21.36 -16.97 -15.06
N SER B 40 21.34 -17.49 -16.29
CA SER B 40 22.55 -18.06 -16.89
C SER B 40 22.75 -17.82 -18.39
N LYS B 41 23.99 -18.03 -18.82
CA LYS B 41 24.39 -17.87 -20.22
C LYS B 41 24.97 -19.21 -20.69
N PRO B 42 24.32 -19.85 -21.68
CA PRO B 42 23.09 -19.35 -22.31
C PRO B 42 21.84 -19.48 -21.44
N THR B 43 20.79 -18.76 -21.81
CA THR B 43 19.53 -18.75 -21.09
C THR B 43 18.81 -20.12 -21.20
N THR B 44 18.36 -20.65 -20.06
CA THR B 44 17.68 -21.95 -20.03
C THR B 44 16.26 -21.92 -19.42
N THR B 45 15.40 -22.85 -19.85
CA THR B 45 14.02 -22.97 -19.35
C THR B 45 14.13 -23.21 -17.83
N SER B 46 13.31 -22.51 -17.02
CA SER B 46 13.44 -22.63 -15.56
C SER B 46 12.19 -22.41 -14.68
N ILE B 47 12.23 -22.98 -13.48
CA ILE B 47 11.17 -22.86 -12.46
C ILE B 47 11.80 -22.87 -11.07
N GLY B 48 11.39 -21.93 -10.21
CA GLY B 48 11.94 -21.87 -8.87
C GLY B 48 11.00 -21.27 -7.83
N ARG B 49 11.20 -21.64 -6.58
CA ARG B 49 10.40 -21.14 -5.46
C ARG B 49 11.29 -21.01 -4.21
N ALA B 50 11.08 -19.95 -3.44
CA ALA B 50 11.83 -19.74 -2.20
C ALA B 50 10.83 -19.47 -1.08
N LEU B 51 10.94 -20.22 0.01
CA LEU B 51 10.02 -20.06 1.13
C LEU B 51 10.74 -19.83 2.44
N TYR B 52 10.10 -19.11 3.34
CA TYR B 52 10.66 -18.87 4.65
C TYR B 52 10.60 -20.24 5.34
N ALA B 53 11.72 -20.66 5.94
CA ALA B 53 11.83 -21.95 6.60
C ALA B 53 10.75 -22.38 7.61
N ALA B 54 10.33 -21.48 8.49
CA ALA B 54 9.29 -21.81 9.49
C ALA B 54 7.88 -21.62 8.93
N PRO B 55 6.97 -22.55 9.23
CA PRO B 55 5.58 -22.40 8.78
C PRO B 55 4.94 -21.31 9.60
N ILE B 56 3.83 -20.77 9.11
CA ILE B 56 3.10 -19.73 9.83
C ILE B 56 1.69 -20.21 10.15
N GLN B 57 1.21 -19.93 11.36
CA GLN B 57 -0.15 -20.31 11.73
C GLN B 57 -1.00 -19.17 11.20
N ILE B 58 -1.68 -19.43 10.10
CA ILE B 58 -2.50 -18.39 9.48
C ILE B 58 -3.90 -18.21 10.08
N TRP B 59 -4.42 -19.27 10.72
CA TRP B 59 -5.72 -19.22 11.40
C TRP B 59 -5.75 -20.33 12.45
N ASP B 60 -6.61 -20.17 13.46
CA ASP B 60 -6.71 -21.13 14.57
C ASP B 60 -8.03 -21.88 14.62
N SER B 61 -8.01 -23.20 14.44
CA SER B 61 -9.23 -24.02 14.47
C SER B 61 -9.88 -23.99 15.85
N ILE B 62 -9.05 -23.89 16.88
CA ILE B 62 -9.51 -23.84 18.26
C ILE B 62 -10.32 -22.58 18.57
N THR B 63 -9.86 -21.43 18.07
CA THR B 63 -10.53 -20.15 18.32
C THR B 63 -11.28 -19.47 17.18
N GLY B 64 -11.08 -19.95 15.96
CA GLY B 64 -11.75 -19.35 14.80
C GLY B 64 -11.13 -18.06 14.29
N LYS B 65 -10.15 -17.53 15.02
CA LYS B 65 -9.44 -16.29 14.66
C LYS B 65 -8.61 -16.44 13.38
N VAL B 66 -8.63 -15.41 12.55
CA VAL B 66 -7.85 -15.41 11.33
C VAL B 66 -6.78 -14.34 11.46
N ALA B 67 -5.58 -14.66 10.99
CA ALA B 67 -4.47 -13.73 11.07
C ALA B 67 -4.51 -12.64 10.01
N SER B 68 -4.00 -11.47 10.36
CA SER B 68 -3.92 -10.38 9.40
C SER B 68 -2.42 -10.26 9.13
N PHE B 69 -2.02 -10.20 7.88
CA PHE B 69 -0.60 -10.07 7.60
C PHE B 69 -0.34 -8.91 6.68
N ALA B 70 0.95 -8.62 6.49
CA ALA B 70 1.41 -7.54 5.63
C ALA B 70 2.81 -7.91 5.20
N THR B 71 3.09 -7.74 3.92
CA THR B 71 4.39 -8.04 3.39
C THR B 71 4.80 -6.96 2.45
N SER B 72 6.09 -6.68 2.46
CA SER B 72 6.62 -5.66 1.60
C SER B 72 7.87 -6.24 0.99
N PHE B 73 8.07 -5.96 -0.29
CA PHE B 73 9.25 -6.44 -0.99
C PHE B 73 9.48 -5.63 -2.25
N SER B 74 10.71 -5.73 -2.76
CA SER B 74 11.11 -5.02 -3.98
C SER B 74 11.68 -6.02 -4.96
N PHE B 75 11.25 -5.93 -6.22
CA PHE B 75 11.75 -6.86 -7.21
C PHE B 75 12.05 -6.19 -8.51
N VAL B 76 12.73 -6.92 -9.38
CA VAL B 76 13.13 -6.47 -10.70
C VAL B 76 12.90 -7.57 -11.70
N VAL B 77 12.40 -7.20 -12.88
CA VAL B 77 12.19 -8.16 -13.95
C VAL B 77 12.83 -7.54 -15.18
N LYS B 78 14.00 -8.06 -15.55
CA LYS B 78 14.75 -7.55 -16.69
C LYS B 78 14.74 -8.51 -17.87
N ALA B 79 14.25 -8.02 -19.02
CA ALA B 79 14.19 -8.80 -20.25
C ALA B 79 15.26 -8.30 -21.22
N ASP B 80 15.90 -9.24 -21.92
CA ASP B 80 16.93 -8.88 -22.90
C ASP B 80 16.22 -8.19 -24.05
N LYS B 81 15.11 -8.78 -24.49
CA LYS B 81 14.30 -8.22 -25.56
C LYS B 81 13.36 -7.18 -24.94
N SER B 82 12.30 -6.85 -25.65
CA SER B 82 11.33 -5.89 -25.17
C SER B 82 10.25 -6.62 -24.36
N ASP B 83 10.08 -7.91 -24.65
CA ASP B 83 9.08 -8.72 -23.96
C ASP B 83 9.78 -9.85 -23.21
N GLY B 84 9.08 -10.43 -22.24
CA GLY B 84 9.67 -11.51 -21.46
C GLY B 84 8.66 -12.48 -20.86
N VAL B 85 9.16 -13.58 -20.30
CA VAL B 85 8.32 -14.60 -19.69
C VAL B 85 9.00 -15.16 -18.42
N ASP B 86 8.24 -15.73 -17.49
CA ASP B 86 6.77 -15.85 -17.56
C ASP B 86 6.05 -15.04 -16.49
N GLY B 87 6.78 -14.74 -15.42
CA GLY B 87 6.21 -14.00 -14.32
C GLY B 87 6.74 -14.39 -12.95
N LEU B 88 6.31 -13.61 -11.97
CA LEU B 88 6.72 -13.78 -10.57
C LEU B 88 5.46 -13.93 -9.71
N ALA B 89 5.60 -14.54 -8.54
CA ALA B 89 4.44 -14.71 -7.68
C ALA B 89 4.77 -14.80 -6.20
N PHE B 90 3.96 -14.11 -5.40
CA PHE B 90 4.12 -14.20 -3.96
C PHE B 90 3.00 -15.14 -3.56
N PHE B 91 3.29 -16.09 -2.67
CA PHE B 91 2.24 -17.03 -2.33
C PHE B 91 2.22 -17.63 -0.93
N LEU B 92 1.05 -18.17 -0.60
CA LEU B 92 0.80 -18.86 0.64
C LEU B 92 0.34 -20.26 0.23
N ALA B 93 1.03 -21.27 0.72
CA ALA B 93 0.71 -22.65 0.40
C ALA B 93 0.80 -23.46 1.68
N PRO B 94 0.29 -24.69 1.67
CA PRO B 94 0.35 -25.54 2.87
C PRO B 94 1.79 -25.66 3.34
N ALA B 95 1.98 -25.78 4.65
CA ALA B 95 3.31 -25.88 5.25
C ALA B 95 4.20 -26.88 4.53
N ASN B 96 5.36 -26.38 4.09
CA ASN B 96 6.35 -27.17 3.37
C ASN B 96 5.83 -27.82 2.09
N SER B 97 5.13 -27.03 1.29
CA SER B 97 4.57 -27.48 0.01
C SER B 97 5.72 -27.76 -0.96
N GLN B 98 5.56 -28.80 -1.76
CA GLN B 98 6.57 -29.16 -2.76
C GLN B 98 6.07 -28.67 -4.11
N ILE B 99 6.99 -28.49 -5.06
CA ILE B 99 6.59 -28.05 -6.38
C ILE B 99 5.73 -29.15 -7.01
N PRO B 100 4.45 -28.86 -7.29
CA PRO B 100 3.50 -29.79 -7.88
C PRO B 100 4.11 -30.52 -9.07
N SER B 101 3.93 -31.83 -9.10
CA SER B 101 4.45 -32.67 -10.18
C SER B 101 3.88 -32.24 -11.53
N GLY B 102 4.75 -32.17 -12.53
CA GLY B 102 4.34 -31.77 -13.86
C GLY B 102 3.80 -30.36 -13.93
N SER B 103 4.55 -29.43 -13.35
CA SER B 103 4.17 -28.02 -13.35
C SER B 103 4.78 -27.37 -14.58
N SER B 104 4.60 -26.06 -14.72
CA SER B 104 5.15 -25.34 -15.87
C SER B 104 5.33 -23.88 -15.50
N ALA B 105 6.19 -23.20 -16.26
CA ALA B 105 6.48 -21.79 -16.04
C ALA B 105 5.21 -20.93 -15.95
N GLY B 106 4.22 -21.22 -16.78
CA GLY B 106 2.99 -20.46 -16.74
C GLY B 106 2.16 -20.65 -15.48
N MET B 107 2.49 -21.68 -14.69
CA MET B 107 1.76 -21.97 -13.45
C MET B 107 2.64 -21.65 -12.23
N PHE B 108 3.72 -20.91 -12.51
CA PHE B 108 4.69 -20.45 -11.53
C PHE B 108 5.13 -21.45 -10.48
N GLY B 109 5.05 -22.73 -10.83
CA GLY B 109 5.43 -23.79 -9.92
C GLY B 109 4.47 -23.97 -8.76
N LEU B 110 3.24 -23.51 -8.95
CA LEU B 110 2.22 -23.60 -7.90
C LEU B 110 1.07 -24.52 -8.28
N PHE B 111 0.87 -24.73 -9.57
CA PHE B 111 -0.23 -25.59 -10.02
C PHE B 111 0.16 -26.74 -10.95
N SER B 112 -0.55 -27.87 -10.79
CA SER B 112 -0.36 -29.09 -11.58
C SER B 112 -1.17 -28.99 -12.88
N SER B 113 -2.27 -28.21 -12.86
CA SER B 113 -3.16 -28.00 -14.02
C SER B 113 -3.91 -26.67 -13.95
N SER B 114 -4.81 -26.42 -14.91
CA SER B 114 -5.55 -25.16 -14.95
C SER B 114 -6.94 -25.18 -14.31
N ASP B 115 -7.18 -26.16 -13.44
CA ASP B 115 -8.47 -26.29 -12.76
C ASP B 115 -8.54 -25.45 -11.50
N SER B 116 -9.75 -25.38 -10.93
CA SER B 116 -9.99 -24.63 -9.70
C SER B 116 -10.31 -25.60 -8.55
N LYS B 117 -9.35 -26.49 -8.25
CA LYS B 117 -9.49 -27.48 -7.19
C LYS B 117 -9.19 -26.92 -5.80
N SER B 118 -10.17 -26.99 -4.91
CA SER B 118 -10.01 -26.50 -3.54
C SER B 118 -8.89 -27.22 -2.80
N SER B 119 -8.44 -28.33 -3.37
CA SER B 119 -7.38 -29.14 -2.79
C SER B 119 -6.00 -28.51 -2.91
N ASN B 120 -5.84 -27.65 -3.91
CA ASN B 120 -4.57 -26.96 -4.14
C ASN B 120 -4.17 -26.16 -2.91
N GLN B 121 -5.16 -25.61 -2.23
CA GLN B 121 -4.99 -24.80 -1.03
C GLN B 121 -3.87 -23.80 -1.23
N ILE B 122 -4.04 -22.98 -2.26
CA ILE B 122 -3.05 -21.96 -2.58
C ILE B 122 -3.69 -20.63 -2.89
N ILE B 123 -3.11 -19.58 -2.31
CA ILE B 123 -3.53 -18.22 -2.53
C ILE B 123 -2.23 -17.54 -2.94
N ALA B 124 -2.26 -16.88 -4.09
CA ALA B 124 -1.05 -16.22 -4.55
C ALA B 124 -1.32 -14.96 -5.32
N VAL B 125 -0.32 -14.10 -5.34
CA VAL B 125 -0.40 -12.84 -6.06
C VAL B 125 0.61 -12.99 -7.20
N GLU B 126 0.09 -13.04 -8.42
CA GLU B 126 0.94 -13.20 -9.58
C GLU B 126 1.25 -11.92 -10.30
N PHE B 127 2.45 -11.88 -10.86
CA PHE B 127 2.97 -10.76 -11.65
C PHE B 127 3.31 -11.40 -12.99
N ASP B 128 2.25 -11.69 -13.74
CA ASP B 128 2.27 -12.35 -15.05
C ASP B 128 2.82 -11.46 -16.16
N THR B 129 3.92 -11.87 -16.80
CA THR B 129 4.52 -11.10 -17.89
C THR B 129 4.10 -11.68 -19.25
N TYR B 130 3.72 -12.96 -19.23
CA TYR B 130 3.28 -13.64 -20.44
C TYR B 130 1.78 -13.93 -20.38
N PHE B 131 1.08 -13.51 -21.43
CA PHE B 131 -0.36 -13.68 -21.51
C PHE B 131 -0.87 -14.27 -22.84
N GLY B 132 0.06 -14.76 -23.67
CA GLY B 132 -0.32 -15.34 -24.96
C GLY B 132 -1.31 -16.49 -24.83
N LYS B 133 -2.38 -16.43 -25.62
CA LYS B 133 -3.43 -17.44 -25.58
C LYS B 133 -3.09 -18.83 -26.14
N ALA B 134 -1.99 -18.93 -26.88
CA ALA B 134 -1.56 -20.21 -27.42
C ALA B 134 -1.24 -21.17 -26.27
N TYR B 135 -0.54 -20.69 -25.25
CA TYR B 135 -0.15 -21.52 -24.10
C TYR B 135 -0.77 -21.12 -22.76
N ASN B 136 -1.26 -19.89 -22.65
CA ASN B 136 -1.89 -19.38 -21.42
C ASN B 136 -3.27 -18.85 -21.80
N PRO B 137 -4.24 -19.73 -22.07
CA PRO B 137 -5.58 -19.31 -22.47
C PRO B 137 -6.43 -18.58 -21.42
N TRP B 138 -6.11 -18.79 -20.14
CA TRP B 138 -6.83 -18.18 -19.03
C TRP B 138 -6.53 -16.69 -18.81
N ASP B 139 -5.30 -16.28 -19.12
CA ASP B 139 -4.86 -14.89 -18.96
C ASP B 139 -5.58 -13.89 -19.86
N PRO B 140 -5.71 -12.64 -19.41
CA PRO B 140 -6.31 -11.56 -20.18
C PRO B 140 -5.35 -11.04 -21.26
N ASP B 141 -5.79 -10.04 -22.01
CA ASP B 141 -4.99 -9.49 -23.10
C ASP B 141 -3.89 -8.51 -22.76
N PHE B 142 -3.20 -8.72 -21.63
CA PHE B 142 -2.11 -7.81 -21.23
C PHE B 142 -1.32 -8.32 -20.04
N LYS B 143 -0.16 -7.71 -19.82
CA LYS B 143 0.66 -8.07 -18.66
C LYS B 143 -0.21 -7.65 -17.47
N HIS B 144 -0.31 -8.53 -16.48
CA HIS B 144 -1.17 -8.25 -15.35
C HIS B 144 -0.67 -8.65 -13.96
N ILE B 145 -1.38 -8.14 -12.95
CA ILE B 145 -1.15 -8.47 -11.55
C ILE B 145 -2.43 -9.22 -11.27
N GLY B 146 -2.33 -10.38 -10.65
CA GLY B 146 -3.53 -11.13 -10.37
C GLY B 146 -3.57 -11.81 -9.03
N ILE B 147 -4.79 -11.91 -8.50
CA ILE B 147 -5.01 -12.59 -7.22
C ILE B 147 -5.47 -14.01 -7.64
N ASP B 148 -4.69 -15.02 -7.24
CA ASP B 148 -5.01 -16.39 -7.58
C ASP B 148 -5.46 -17.16 -6.38
N VAL B 149 -6.62 -17.81 -6.50
CA VAL B 149 -7.16 -18.59 -5.40
C VAL B 149 -7.50 -19.99 -5.87
N ASN B 150 -6.66 -20.94 -5.48
CA ASN B 150 -6.83 -22.35 -5.84
C ASN B 150 -6.76 -22.63 -7.33
N SER B 151 -6.50 -21.61 -8.13
CA SER B 151 -6.43 -21.77 -9.58
C SER B 151 -5.62 -20.67 -10.22
N ILE B 152 -4.89 -21.03 -11.27
CA ILE B 152 -4.05 -20.10 -12.01
C ILE B 152 -4.88 -19.06 -12.78
N LYS B 153 -6.19 -19.32 -12.88
CA LYS B 153 -7.10 -18.39 -13.52
C LYS B 153 -7.49 -17.41 -12.41
N SER B 154 -6.79 -16.28 -12.37
CA SER B 154 -7.01 -15.23 -11.36
C SER B 154 -8.48 -14.91 -11.20
N ILE B 155 -8.88 -14.59 -9.97
CA ILE B 155 -10.28 -14.24 -9.70
C ILE B 155 -10.49 -12.75 -9.97
N LYS B 156 -9.39 -12.02 -10.08
CA LYS B 156 -9.41 -10.59 -10.36
C LYS B 156 -8.02 -10.19 -10.80
N THR B 157 -7.96 -9.40 -11.85
CA THR B 157 -6.69 -8.92 -12.38
C THR B 157 -6.76 -7.43 -12.65
N VAL B 158 -5.62 -6.85 -12.95
CA VAL B 158 -5.52 -5.43 -13.27
C VAL B 158 -4.28 -5.32 -14.15
N LYS B 159 -4.36 -4.41 -15.13
CA LYS B 159 -3.24 -4.22 -16.04
C LYS B 159 -2.00 -3.78 -15.29
N TRP B 160 -0.90 -4.47 -15.58
CA TRP B 160 0.38 -4.17 -14.96
C TRP B 160 1.23 -3.35 -15.92
N ASP B 161 1.54 -2.11 -15.52
CA ASP B 161 2.36 -1.23 -16.34
C ASP B 161 3.85 -1.50 -16.10
N TRP B 162 4.26 -2.73 -16.41
CA TRP B 162 5.63 -3.19 -16.24
C TRP B 162 6.68 -2.30 -16.87
N ARG B 163 7.74 -2.03 -16.13
CA ARG B 163 8.85 -1.23 -16.61
C ARG B 163 10.07 -2.16 -16.63
N ASN B 164 10.52 -2.50 -17.84
CA ASN B 164 11.66 -3.39 -18.00
C ASN B 164 12.88 -2.92 -17.24
N GLY B 165 13.42 -3.82 -16.40
CA GLY B 165 14.61 -3.54 -15.63
C GLY B 165 14.44 -2.62 -14.44
N GLU B 166 13.29 -1.97 -14.33
CA GLU B 166 13.06 -1.07 -13.21
C GLU B 166 12.61 -1.82 -11.99
N VAL B 167 12.99 -1.27 -10.83
CA VAL B 167 12.68 -1.82 -9.52
C VAL B 167 11.27 -1.44 -9.09
N ALA B 168 10.51 -2.44 -8.66
CA ALA B 168 9.14 -2.24 -8.19
C ALA B 168 9.05 -2.46 -6.68
N ASP B 169 8.31 -1.60 -6.01
CA ASP B 169 8.09 -1.72 -4.57
C ASP B 169 6.66 -2.23 -4.39
N VAL B 170 6.53 -3.42 -3.80
CA VAL B 170 5.21 -3.97 -3.59
C VAL B 170 4.89 -4.03 -2.12
N VAL B 171 3.65 -3.70 -1.81
CA VAL B 171 3.14 -3.75 -0.44
C VAL B 171 1.83 -4.49 -0.55
N ILE B 172 1.75 -5.62 0.12
CA ILE B 172 0.54 -6.40 0.10
C ILE B 172 0.05 -6.42 1.52
N THR B 173 -1.25 -6.21 1.71
CA THR B 173 -1.85 -6.22 3.04
C THR B 173 -3.04 -7.16 3.09
N TYR B 174 -3.25 -7.77 4.24
CA TYR B 174 -4.40 -8.63 4.41
C TYR B 174 -5.08 -8.30 5.72
N ARG B 175 -6.29 -7.75 5.60
CA ARG B 175 -7.06 -7.35 6.74
C ARG B 175 -8.15 -8.38 7.03
N ALA B 176 -7.82 -9.31 7.94
CA ALA B 176 -8.73 -10.38 8.35
C ALA B 176 -10.16 -9.97 8.65
N PRO B 177 -10.37 -8.91 9.45
CA PRO B 177 -11.73 -8.48 9.77
C PRO B 177 -12.61 -8.30 8.53
N THR B 178 -12.07 -7.65 7.50
CA THR B 178 -12.84 -7.39 6.28
C THR B 178 -12.50 -8.32 5.13
N LYS B 179 -11.73 -9.36 5.41
CA LYS B 179 -11.35 -10.34 4.40
C LYS B 179 -10.85 -9.75 3.08
N SER B 180 -10.16 -8.61 3.14
CA SER B 180 -9.66 -7.99 1.92
C SER B 180 -8.15 -8.05 1.72
N LEU B 181 -7.77 -8.26 0.47
CA LEU B 181 -6.37 -8.35 0.08
C LEU B 181 -6.03 -7.18 -0.84
N THR B 182 -4.99 -6.44 -0.51
CA THR B 182 -4.63 -5.30 -1.34
C THR B 182 -3.18 -5.33 -1.78
N VAL B 183 -2.99 -5.36 -3.10
CA VAL B 183 -1.68 -5.35 -3.70
C VAL B 183 -1.39 -3.92 -4.10
N CYS B 184 -0.25 -3.42 -3.64
CA CYS B 184 0.12 -2.05 -3.90
C CYS B 184 1.51 -1.96 -4.53
N LEU B 185 1.54 -1.85 -5.86
CA LEU B 185 2.80 -1.77 -6.60
C LEU B 185 3.14 -0.38 -7.13
N SER B 186 4.43 -0.04 -7.09
CA SER B 186 4.88 1.26 -7.58
C SER B 186 6.34 1.26 -8.00
N TYR B 187 6.66 2.01 -9.06
CA TYR B 187 8.02 2.12 -9.56
C TYR B 187 8.50 3.49 -9.16
N PRO B 188 9.40 3.56 -8.18
CA PRO B 188 9.93 4.85 -7.70
C PRO B 188 10.63 5.69 -8.77
N SER B 189 11.21 5.02 -9.76
CA SER B 189 11.93 5.69 -10.84
C SER B 189 11.08 6.67 -11.64
N ASP B 190 9.87 6.26 -12.04
CA ASP B 190 9.00 7.14 -12.83
C ASP B 190 7.58 7.36 -12.30
N GLY B 191 7.36 7.08 -11.02
CA GLY B 191 6.05 7.27 -10.41
C GLY B 191 4.91 6.37 -10.85
N THR B 192 5.18 5.47 -11.81
CA THR B 192 4.18 4.54 -12.30
C THR B 192 3.75 3.60 -11.19
N SER B 193 2.44 3.49 -10.96
CA SER B 193 1.92 2.62 -9.91
C SER B 193 0.59 1.95 -10.25
N ASN B 194 0.38 0.74 -9.72
CA ASN B 194 -0.83 -0.04 -9.95
C ASN B 194 -1.37 -0.58 -8.62
N ILE B 195 -2.66 -0.88 -8.57
CA ILE B 195 -3.26 -1.38 -7.34
C ILE B 195 -4.46 -2.29 -7.60
N ILE B 196 -4.64 -3.24 -6.69
CA ILE B 196 -5.74 -4.19 -6.77
C ILE B 196 -6.16 -4.71 -5.38
N THR B 197 -7.47 -4.85 -5.19
CA THR B 197 -8.03 -5.34 -3.94
C THR B 197 -9.04 -6.41 -4.25
N ALA B 198 -9.15 -7.40 -3.37
CA ALA B 198 -10.10 -8.48 -3.57
C ALA B 198 -10.45 -9.10 -2.23
N SER B 199 -11.64 -9.68 -2.15
CA SER B 199 -12.09 -10.33 -0.92
C SER B 199 -11.74 -11.81 -0.94
N VAL B 200 -11.12 -12.27 0.14
CA VAL B 200 -10.72 -13.67 0.25
C VAL B 200 -10.78 -14.11 1.71
N ASP B 201 -11.32 -15.32 1.95
CA ASP B 201 -11.37 -15.84 3.31
C ASP B 201 -10.32 -16.94 3.43
N LEU B 202 -9.20 -16.60 4.05
CA LEU B 202 -8.11 -17.56 4.23
C LEU B 202 -8.58 -18.85 4.91
N LYS B 203 -9.40 -18.71 5.94
CA LYS B 203 -9.92 -19.85 6.68
C LYS B 203 -10.58 -20.86 5.74
N ALA B 204 -11.31 -20.33 4.76
CA ALA B 204 -12.02 -21.17 3.80
C ALA B 204 -11.14 -21.76 2.70
N ILE B 205 -9.86 -21.39 2.65
CA ILE B 205 -8.98 -21.89 1.59
C ILE B 205 -7.70 -22.60 1.99
N LEU B 206 -6.96 -22.01 2.93
CA LEU B 206 -5.70 -22.60 3.38
C LEU B 206 -5.88 -23.33 4.70
N PRO B 207 -4.99 -24.28 5.02
CA PRO B 207 -5.03 -24.98 6.31
C PRO B 207 -4.43 -24.05 7.37
N GLU B 208 -4.54 -24.42 8.64
CA GLU B 208 -4.02 -23.59 9.71
C GLU B 208 -2.57 -23.17 9.52
N TRP B 209 -1.72 -24.13 9.17
CA TRP B 209 -0.30 -23.86 8.98
C TRP B 209 0.12 -23.79 7.54
N VAL B 210 0.57 -22.60 7.14
CA VAL B 210 1.04 -22.36 5.78
C VAL B 210 2.53 -22.03 5.73
N SER B 211 3.02 -21.89 4.51
CA SER B 211 4.41 -21.54 4.24
C SER B 211 4.31 -20.43 3.21
N VAL B 212 5.06 -19.35 3.42
CA VAL B 212 5.03 -18.23 2.48
C VAL B 212 6.34 -18.09 1.72
N GLY B 213 6.24 -17.49 0.54
CA GLY B 213 7.43 -17.28 -0.27
C GLY B 213 7.11 -16.77 -1.65
N PHE B 214 8.10 -16.88 -2.53
CA PHE B 214 7.96 -16.44 -3.90
C PHE B 214 8.21 -17.59 -4.85
N SER B 215 7.80 -17.40 -6.10
CA SER B 215 8.00 -18.38 -7.14
C SER B 215 7.89 -17.71 -8.50
N GLY B 216 8.38 -18.38 -9.52
CA GLY B 216 8.33 -17.85 -10.87
C GLY B 216 8.82 -18.86 -11.88
N GLY B 217 8.80 -18.48 -13.16
CA GLY B 217 9.26 -19.37 -14.20
C GLY B 217 9.61 -18.67 -15.50
N VAL B 218 10.18 -19.44 -16.42
CA VAL B 218 10.60 -19.00 -17.75
C VAL B 218 10.37 -20.24 -18.63
N GLY B 219 9.26 -20.24 -19.37
CA GLY B 219 8.92 -21.39 -20.21
C GLY B 219 9.50 -21.40 -21.61
N ASN B 220 10.36 -20.42 -21.89
CA ASN B 220 10.99 -20.28 -23.19
C ASN B 220 12.23 -19.40 -23.09
N ALA B 221 13.41 -20.03 -23.13
CA ALA B 221 14.68 -19.32 -23.03
C ALA B 221 14.89 -18.22 -24.09
N ALA B 222 14.06 -18.24 -25.14
CA ALA B 222 14.14 -17.24 -26.20
C ALA B 222 13.70 -15.88 -25.67
N GLU B 223 12.60 -15.88 -24.91
CA GLU B 223 12.06 -14.64 -24.35
C GLU B 223 12.40 -14.50 -22.86
N PHE B 224 13.69 -14.61 -22.55
CA PHE B 224 14.23 -14.53 -21.19
C PHE B 224 14.09 -13.20 -20.45
N GLU B 225 13.90 -13.31 -19.14
CA GLU B 225 13.79 -12.17 -18.21
C GLU B 225 14.11 -12.69 -16.82
N THR B 226 14.63 -11.81 -15.97
CA THR B 226 14.95 -12.19 -14.61
C THR B 226 13.73 -12.06 -13.71
N HIS B 227 13.81 -12.69 -12.53
CA HIS B 227 12.74 -12.63 -11.54
C HIS B 227 13.50 -12.56 -10.22
N ASP B 228 14.09 -11.38 -10.02
CA ASP B 228 14.92 -11.08 -8.86
C ASP B 228 14.21 -10.27 -7.80
N VAL B 229 14.16 -10.82 -6.59
CA VAL B 229 13.57 -10.13 -5.46
C VAL B 229 14.77 -9.64 -4.62
N LEU B 230 14.76 -8.34 -4.33
CA LEU B 230 15.83 -7.65 -3.61
C LEU B 230 15.75 -7.58 -2.10
N SER B 231 14.54 -7.40 -1.59
CA SER B 231 14.32 -7.29 -0.15
C SER B 231 12.94 -7.83 0.20
N TRP B 232 12.77 -8.21 1.47
CA TRP B 232 11.51 -8.80 1.93
C TRP B 232 11.19 -8.59 3.41
N TYR B 233 10.03 -7.97 3.65
CA TYR B 233 9.55 -7.72 4.99
C TYR B 233 8.25 -8.50 5.16
N PHE B 234 8.11 -9.19 6.28
CA PHE B 234 6.89 -9.93 6.52
C PHE B 234 6.49 -9.93 7.98
N THR B 235 5.22 -9.67 8.22
CA THR B 235 4.69 -9.66 9.57
C THR B 235 3.28 -10.23 9.52
N SER B 236 2.99 -11.11 10.46
CA SER B 236 1.70 -11.76 10.57
C SER B 236 1.27 -11.67 12.03
N ASN B 237 -0.04 -11.74 12.24
CA ASN B 237 -0.56 -11.68 13.60
C ASN B 237 -1.99 -12.18 13.72
N LEU B 238 -2.21 -13.08 14.69
CA LEU B 238 -3.51 -13.68 14.97
C LEU B 238 -4.50 -12.82 15.77
N GLU B 239 -5.53 -12.30 15.09
C1 NAG C . -21.16 30.50 0.53
C2 NAG C . -21.10 29.33 -0.45
C3 NAG C . -19.77 28.55 -0.26
C4 NAG C . -18.59 29.54 -0.36
C5 NAG C . -18.83 30.72 0.52
C6 NAG C . -17.73 31.74 0.36
C7 NAG C . -23.06 28.20 -1.30
C8 NAG C . -24.26 27.30 -1.02
N2 NAG C . -22.26 28.47 -0.27
O1 NAG C . -22.33 31.22 0.34
O3 NAG C . -19.70 27.52 -1.24
O4 NAG C . -17.38 29.03 0.19
O5 NAG C . -20.08 31.36 0.24
O6 NAG C . -17.82 32.37 -0.90
O7 NAG C . -22.86 28.61 -2.45
C1 NAG C . -16.52 28.06 -0.19
C2 NAG C . -15.20 28.17 0.55
C3 NAG C . -14.24 27.29 -0.21
C4 NAG C . -14.81 25.89 -0.40
C5 NAG C . -16.23 25.92 -0.92
C6 NAG C . -16.84 24.57 -0.95
C7 NAG C . -14.42 30.12 1.70
C8 NAG C . -13.83 31.54 1.67
N2 NAG C . -14.70 29.54 0.54
O3 NAG C . -13.02 27.21 0.52
O4 NAG C . -13.99 25.18 -1.30
O5 NAG C . -17.05 26.76 -0.09
O6 NAG C . -17.10 24.10 0.35
O7 NAG C . -14.70 29.62 2.77
C1 NAG D . 8.38 -24.26 -26.82
C2 NAG D . 7.86 -22.82 -26.85
C3 NAG D . 7.34 -22.43 -25.44
C4 NAG D . 6.27 -23.51 -25.06
C5 NAG D . 6.86 -24.90 -25.15
C6 NAG D . 5.85 -25.94 -24.81
C7 NAG D . 8.72 -21.17 -28.39
C8 NAG D . 9.88 -20.26 -28.79
N2 NAG D . 8.90 -21.93 -27.30
O1 NAG D . 8.85 -24.64 -28.08
O3 NAG D . 6.70 -21.17 -25.53
O4 NAG D . 5.57 -23.38 -23.79
O5 NAG D . 7.34 -25.17 -26.45
O6 NAG D . 4.87 -25.97 -25.81
O7 NAG D . 7.69 -21.16 -29.05
C1 NAG D . 5.86 -22.73 -22.60
C2 NAG D . 5.11 -23.21 -21.38
C3 NAG D . 4.05 -22.27 -20.86
C4 NAG D . 4.55 -20.83 -20.88
C5 NAG D . 5.03 -20.46 -22.28
C6 NAG D . 5.61 -19.07 -22.21
C7 NAG D . 5.07 -25.56 -20.99
C8 NAG D . 4.42 -26.91 -21.10
N2 NAG D . 4.51 -24.51 -21.60
O3 NAG D . 3.79 -22.65 -19.52
O4 NAG D . 3.48 -20.00 -20.52
O5 NAG D . 6.10 -21.33 -22.73
O6 NAG D . 6.84 -19.07 -21.53
O7 NAG D . 6.16 -25.45 -20.41
MN MN E . -7.08 19.47 -4.65
CA CA F . -10.94 21.23 -3.17
C1 NAG G . -1.41 33.35 6.35
C2 NAG G . -1.71 34.80 6.79
C3 NAG G . -0.37 35.45 7.26
C4 NAG G . 0.11 34.65 8.46
C5 NAG G . 0.26 33.16 8.09
C6 NAG G . 0.54 32.32 9.34
C7 NAG G . -3.33 36.47 6.10
C8 NAG G . -3.97 37.25 4.96
N2 NAG G . -2.38 35.58 5.76
O3 NAG G . -0.52 36.83 7.60
O4 NAG G . 1.35 35.17 8.94
O5 NAG G . -0.94 32.62 7.48
O6 NAG G . -0.57 32.33 10.24
O7 NAG G . -3.71 36.65 7.27
MN MN H . -2.48 -14.60 -15.02
CA CA I . 0.88 -16.08 -17.81
#